data_1BGB
#
_entry.id   1BGB
#
_cell.length_a   49.400
_cell.length_b   50.200
_cell.length_c   64.100
_cell.angle_alpha   96.00
_cell.angle_beta   109.00
_cell.angle_gamma   108.00
#
_symmetry.space_group_name_H-M   'P 1'
#
loop_
_entity.id
_entity.type
_entity.pdbx_description
1 polymer "DNA (5'-D(*CP*GP*GP*GP*AP*TP*AP*TP*CP*CP*C)-3')"
2 polymer 'ECORV ENDONUCLEASE'
3 water water
#
loop_
_entity_poly.entity_id
_entity_poly.type
_entity_poly.pdbx_seq_one_letter_code
_entity_poly.pdbx_strand_id
1 'polydeoxyribonucleotide' (DC)(DG)(DG)(DG)(DA)(DT)(DA)(DT)(DC)(DC)(DC) C,D
2 'polypeptide(L)'
;SLRSDLINALYDENQKYDVCGIISAEGKIYPLGSDTKVLSTIFELFSRPIINKIAEKHGYIVEEPKQQNHYPDFTLYKPS
EPNKKIAIDIKTTYTNKENEKIKFTLGGYTSFIRNNTKNIVYPFDQYIAHWIIGYVYTRVATRKSSLKTYNINELNEIPK
PYKGVKVFLQDKWVIAGDLAGSGNTTNIGSIHAHYKDFVEGKGIFDSEDEFLDYWRNYERTSQLRNDKYNNISEYRNWIY
RGRK
;
A,B
#
# COMPACT_ATOMS: atom_id res chain seq x y z
N SER C 1 -1.93 8.39 -31.52
CA SER C 1 -0.61 8.64 -30.92
C SER C 1 -0.39 7.63 -29.79
N LEU C 2 0.80 7.64 -29.19
CA LEU C 2 1.09 6.75 -28.07
C LEU C 2 0.00 7.00 -27.01
N ARG C 3 -0.33 8.27 -26.78
CA ARG C 3 -1.33 8.62 -25.79
C ARG C 3 -2.78 8.26 -26.10
N SER C 4 -3.25 8.59 -27.31
CA SER C 4 -4.64 8.27 -27.71
C SER C 4 -4.84 6.76 -27.65
N ASP C 5 -3.89 6.04 -28.21
CA ASP C 5 -3.92 4.60 -28.23
C ASP C 5 -3.88 4.00 -26.85
N LEU C 6 -3.08 4.60 -25.96
CA LEU C 6 -2.97 4.10 -24.59
C LEU C 6 -4.33 4.24 -23.84
N ILE C 7 -4.94 5.40 -23.98
CA ILE C 7 -6.25 5.62 -23.37
C ILE C 7 -7.29 4.68 -24.00
N ASN C 8 -7.19 4.49 -25.31
CA ASN C 8 -8.11 3.61 -26.03
C ASN C 8 -8.00 2.17 -25.53
N ALA C 9 -6.78 1.64 -25.48
CA ALA C 9 -6.57 0.30 -25.00
C ALA C 9 -7.12 0.14 -23.56
N LEU C 10 -6.68 1.00 -22.64
CA LEU C 10 -7.12 0.99 -21.23
C LEU C 10 -8.63 0.97 -21.04
N TYR C 11 -9.33 1.90 -21.71
CA TYR C 11 -10.79 2.03 -21.65
C TYR C 11 -11.50 0.79 -22.20
N ASP C 12 -10.93 0.21 -23.22
CA ASP C 12 -11.50 -0.94 -23.87
C ASP C 12 -11.35 -2.17 -22.98
N GLU C 13 -10.10 -2.49 -22.64
CA GLU C 13 -9.79 -3.65 -21.80
C GLU C 13 -10.54 -3.61 -20.48
N ASN C 14 -10.66 -2.40 -19.93
CA ASN C 14 -11.37 -2.21 -18.66
C ASN C 14 -12.86 -2.40 -18.83
N GLN C 15 -13.45 -1.69 -19.78
CA GLN C 15 -14.89 -1.78 -20.04
C GLN C 15 -15.23 -3.22 -20.42
N LYS C 16 -14.21 -4.04 -20.60
CA LYS C 16 -14.45 -5.42 -20.95
C LYS C 16 -14.29 -6.37 -19.78
N TYR C 17 -13.07 -6.51 -19.26
CA TYR C 17 -12.80 -7.47 -18.20
C TYR C 17 -12.93 -7.07 -16.75
N ASP C 18 -12.86 -8.09 -15.90
CA ASP C 18 -12.96 -7.91 -14.47
C ASP C 18 -12.09 -8.96 -13.75
N VAL C 19 -11.11 -8.49 -12.98
CA VAL C 19 -10.22 -9.36 -12.20
C VAL C 19 -11.06 -9.83 -11.01
N CYS C 20 -11.07 -11.14 -10.77
CA CYS C 20 -11.87 -11.67 -9.67
C CYS C 20 -11.08 -12.39 -8.58
N GLY C 21 -9.78 -12.54 -8.78
CA GLY C 21 -9.02 -13.19 -7.75
C GLY C 21 -7.63 -13.56 -8.20
N ILE C 22 -6.84 -14.06 -7.25
CA ILE C 22 -5.50 -14.50 -7.55
C ILE C 22 -5.55 -16.03 -7.68
N ILE C 23 -4.63 -16.56 -8.46
CA ILE C 23 -4.61 -17.98 -8.76
C ILE C 23 -3.21 -18.58 -8.56
N SER C 24 -3.19 -19.79 -7.99
CA SER C 24 -1.93 -20.49 -7.73
C SER C 24 -1.59 -21.37 -8.91
N ALA C 25 -0.39 -21.91 -8.89
CA ALA C 25 0.04 -22.79 -9.96
C ALA C 25 -0.86 -24.03 -9.99
N GLU C 26 -1.33 -24.43 -8.81
CA GLU C 26 -2.22 -25.57 -8.65
C GLU C 26 -3.64 -25.33 -9.20
N GLY C 27 -3.95 -24.08 -9.54
CA GLY C 27 -5.27 -23.75 -10.05
C GLY C 27 -6.32 -23.28 -9.04
N LYS C 28 -5.91 -23.06 -7.80
CA LYS C 28 -6.82 -22.56 -6.77
C LYS C 28 -7.05 -21.05 -6.94
N ILE C 29 -8.24 -20.55 -6.65
CA ILE C 29 -8.49 -19.12 -6.80
C ILE C 29 -9.00 -18.47 -5.53
N TYR C 30 -8.26 -17.44 -5.12
CA TYR C 30 -8.56 -16.70 -3.91
C TYR C 30 -9.22 -15.39 -4.28
N PRO C 31 -10.41 -15.10 -3.72
CA PRO C 31 -11.09 -13.85 -4.02
C PRO C 31 -10.39 -12.60 -3.46
N LEU C 32 -10.83 -11.43 -3.93
CA LEU C 32 -10.26 -10.15 -3.50
C LEU C 32 -11.13 -9.44 -2.46
N GLY C 33 -10.51 -8.51 -1.74
CA GLY C 33 -11.18 -7.70 -0.73
C GLY C 33 -11.39 -6.30 -1.29
N SER C 34 -12.25 -5.48 -0.67
CA SER C 34 -12.50 -4.14 -1.21
C SER C 34 -11.74 -3.00 -0.56
N ASP C 35 -10.49 -3.23 -0.22
CA ASP C 35 -9.62 -2.22 0.37
C ASP C 35 -8.82 -1.66 -0.79
N THR C 36 -8.48 -0.38 -0.76
CA THR C 36 -7.72 0.18 -1.87
C THR C 36 -6.35 -0.44 -1.98
N LYS C 37 -5.79 -0.95 -0.88
CA LYS C 37 -4.48 -1.60 -0.95
C LYS C 37 -4.63 -2.77 -1.92
N VAL C 38 -5.73 -3.53 -1.81
CA VAL C 38 -5.93 -4.64 -2.72
C VAL C 38 -6.17 -4.11 -4.12
N LEU C 39 -7.20 -3.30 -4.28
CA LEU C 39 -7.54 -2.78 -5.60
C LEU C 39 -6.43 -2.03 -6.32
N SER C 40 -5.59 -1.33 -5.55
CA SER C 40 -4.45 -0.59 -6.10
C SER C 40 -3.52 -1.59 -6.78
N THR C 41 -3.16 -2.60 -6.00
CA THR C 41 -2.27 -3.68 -6.44
C THR C 41 -2.86 -4.30 -7.71
N ILE C 42 -4.15 -4.61 -7.63
CA ILE C 42 -4.87 -5.23 -8.73
C ILE C 42 -4.84 -4.39 -10.00
N PHE C 43 -5.20 -3.11 -9.90
CA PHE C 43 -5.26 -2.17 -11.02
C PHE C 43 -3.88 -1.85 -11.61
N GLU C 44 -2.85 -1.83 -10.76
CA GLU C 44 -1.52 -1.61 -11.30
C GLU C 44 -1.09 -2.82 -12.18
N LEU C 45 -1.29 -4.02 -11.65
CA LEU C 45 -0.93 -5.27 -12.34
C LEU C 45 -1.73 -5.53 -13.63
N PHE C 46 -2.98 -5.12 -13.61
CA PHE C 46 -3.93 -5.27 -14.70
C PHE C 46 -3.49 -4.39 -15.91
N SER C 47 -2.82 -3.28 -15.60
CA SER C 47 -2.33 -2.30 -16.59
C SER C 47 -0.94 -2.49 -17.24
N ARG C 48 0.00 -3.11 -16.52
CA ARG C 48 1.34 -3.31 -17.04
C ARG C 48 1.43 -3.96 -18.43
N PRO C 49 0.63 -5.02 -18.71
CA PRO C 49 0.71 -5.64 -20.04
C PRO C 49 0.24 -4.68 -21.16
N ILE C 50 -0.89 -4.00 -20.92
CA ILE C 50 -1.45 -3.04 -21.88
C ILE C 50 -0.41 -1.96 -22.17
N ILE C 51 0.12 -1.35 -21.11
CA ILE C 51 1.15 -0.32 -21.26
C ILE C 51 2.28 -0.90 -22.13
N ASN C 52 2.80 -2.08 -21.77
CA ASN C 52 3.87 -2.70 -22.53
C ASN C 52 3.57 -2.81 -24.02
N LYS C 53 2.43 -3.42 -24.37
CA LYS C 53 2.04 -3.59 -25.78
C LYS C 53 1.96 -2.26 -26.57
N ILE C 54 1.29 -1.25 -26.01
CA ILE C 54 1.15 0.06 -26.69
C ILE C 54 2.51 0.70 -26.81
N ALA C 55 3.30 0.63 -25.76
CA ALA C 55 4.62 1.18 -25.79
C ALA C 55 5.41 0.52 -26.92
N GLU C 56 5.16 -0.77 -27.13
CA GLU C 56 5.84 -1.52 -28.16
C GLU C 56 5.43 -1.12 -29.58
N LYS C 57 4.15 -0.85 -29.79
CA LYS C 57 3.67 -0.44 -31.11
C LYS C 57 4.32 0.87 -31.58
N HIS C 58 4.66 1.72 -30.62
CA HIS C 58 5.26 3.01 -30.89
C HIS C 58 6.77 3.01 -30.63
N GLY C 59 7.36 1.84 -30.70
CA GLY C 59 8.79 1.70 -30.51
C GLY C 59 9.40 2.19 -29.22
N TYR C 60 8.59 2.34 -28.20
CA TYR C 60 9.17 2.77 -26.94
C TYR C 60 9.55 1.54 -26.14
N ILE C 61 10.44 1.76 -25.18
CA ILE C 61 10.91 0.72 -24.26
C ILE C 61 10.17 1.03 -22.96
N VAL C 62 9.96 0.03 -22.13
CA VAL C 62 9.27 0.25 -20.87
C VAL C 62 10.14 -0.26 -19.73
N GLU C 63 10.42 0.59 -18.75
CA GLU C 63 11.25 0.20 -17.61
C GLU C 63 10.56 0.51 -16.30
N GLU C 64 10.66 -0.39 -15.34
CA GLU C 64 10.07 -0.22 -14.01
C GLU C 64 11.18 0.01 -12.96
N PRO C 65 10.83 0.44 -11.72
CA PRO C 65 11.87 0.66 -10.71
C PRO C 65 12.57 -0.62 -10.28
N LYS C 66 13.85 -0.50 -9.94
CA LYS C 66 14.66 -1.64 -9.53
C LYS C 66 14.65 -1.76 -8.01
N GLN C 67 14.43 -0.63 -7.33
CA GLN C 67 14.34 -0.58 -5.88
C GLN C 67 12.97 0.03 -5.65
N GLN C 68 12.32 -0.32 -4.54
CA GLN C 68 10.97 0.18 -4.25
C GLN C 68 11.09 1.62 -3.76
N ASN C 69 9.93 2.27 -3.60
CA ASN C 69 9.85 3.66 -3.14
C ASN C 69 10.38 4.65 -4.18
N HIS C 70 10.68 4.18 -5.37
CA HIS C 70 11.15 5.06 -6.45
C HIS C 70 10.06 5.24 -7.48
N TYR C 71 9.77 6.50 -7.78
CA TYR C 71 8.78 6.89 -8.76
C TYR C 71 9.48 6.81 -10.12
N PRO C 72 8.75 6.54 -11.23
CA PRO C 72 7.33 6.30 -11.47
C PRO C 72 7.11 4.81 -11.70
N ASP C 73 5.84 4.40 -11.75
CA ASP C 73 5.50 3.00 -11.99
C ASP C 73 6.09 2.53 -13.30
N PHE C 74 6.03 3.37 -14.32
CA PHE C 74 6.61 3.01 -15.62
C PHE C 74 7.32 4.17 -16.27
N THR C 75 8.50 3.88 -16.79
CA THR C 75 9.28 4.90 -17.48
C THR C 75 9.33 4.42 -18.92
N LEU C 76 8.83 5.25 -19.83
CA LEU C 76 8.88 4.92 -21.26
C LEU C 76 9.83 5.85 -21.94
N TYR C 77 10.48 5.33 -22.96
CA TYR C 77 11.41 6.12 -23.77
C TYR C 77 11.91 5.35 -24.97
N LYS C 78 12.56 6.07 -25.86
CA LYS C 78 13.14 5.48 -27.04
C LYS C 78 14.65 5.54 -26.82
N PRO C 79 15.36 4.44 -27.12
CA PRO C 79 16.79 4.61 -26.86
C PRO C 79 17.41 5.77 -27.62
N SER C 80 17.06 5.92 -28.90
CA SER C 80 17.58 7.00 -29.73
C SER C 80 17.32 8.40 -29.16
N GLU C 81 16.61 8.48 -28.03
CA GLU C 81 16.27 9.77 -27.41
C GLU C 81 16.07 9.59 -25.90
N PRO C 82 17.15 9.34 -25.15
CA PRO C 82 17.27 9.12 -23.70
C PRO C 82 16.99 10.30 -22.75
N ASN C 83 16.59 11.44 -23.30
CA ASN C 83 16.30 12.65 -22.51
C ASN C 83 14.84 13.03 -22.49
N LYS C 84 14.07 12.51 -23.45
CA LYS C 84 12.65 12.80 -23.53
C LYS C 84 11.88 11.58 -23.00
N LYS C 85 11.92 11.38 -21.68
CA LYS C 85 11.26 10.26 -21.04
C LYS C 85 9.83 10.57 -20.59
N ILE C 86 9.02 9.53 -20.49
CA ILE C 86 7.64 9.71 -20.04
C ILE C 86 7.42 8.88 -18.77
N ALA C 87 6.86 9.53 -17.77
CA ALA C 87 6.57 8.93 -16.47
C ALA C 87 5.09 8.59 -16.37
N ILE C 88 4.78 7.32 -16.12
CA ILE C 88 3.39 6.86 -15.96
C ILE C 88 3.18 6.23 -14.58
N ASP C 89 2.22 6.79 -13.86
CA ASP C 89 1.90 6.36 -12.49
C ASP C 89 0.42 6.03 -12.47
N ILE C 90 0.11 4.86 -11.90
CA ILE C 90 -1.26 4.39 -11.77
C ILE C 90 -1.73 4.70 -10.36
N LYS C 91 -2.82 5.48 -10.26
CA LYS C 91 -3.41 5.88 -8.99
C LYS C 91 -4.86 5.41 -8.89
N THR C 92 -5.23 4.92 -7.71
CA THR C 92 -6.58 4.43 -7.50
C THR C 92 -7.25 5.10 -6.27
N THR C 93 -8.58 5.17 -6.36
CA THR C 93 -9.46 5.69 -5.31
C THR C 93 -10.86 5.04 -5.50
N TYR C 94 -11.73 5.22 -4.54
CA TYR C 94 -13.04 4.60 -4.59
C TYR C 94 -14.17 5.57 -4.40
N THR C 95 -15.38 5.07 -4.58
CA THR C 95 -16.61 5.82 -4.44
C THR C 95 -17.75 4.82 -4.09
N ASN C 96 -18.71 5.25 -3.27
CA ASN C 96 -19.83 4.39 -2.85
C ASN C 96 -21.02 4.57 -3.78
N LYS C 97 -21.22 5.81 -4.20
CA LYS C 97 -22.30 6.19 -5.08
C LYS C 97 -21.57 6.53 -6.34
N GLU C 98 -22.15 6.13 -7.46
CA GLU C 98 -21.54 6.38 -8.75
C GLU C 98 -21.52 7.86 -9.11
N ASN C 99 -20.43 8.28 -9.77
CA ASN C 99 -20.23 9.65 -10.21
C ASN C 99 -20.13 10.71 -9.11
N GLU C 100 -19.73 10.28 -7.91
CA GLU C 100 -19.57 11.19 -6.76
C GLU C 100 -18.23 11.93 -6.91
N LYS C 101 -17.95 12.90 -6.05
CA LYS C 101 -16.66 13.60 -6.15
C LYS C 101 -15.53 12.70 -5.64
N ILE C 102 -14.39 12.73 -6.29
CA ILE C 102 -13.26 11.91 -5.89
C ILE C 102 -12.01 12.75 -5.82
N LYS C 103 -10.94 12.19 -5.27
CA LYS C 103 -9.66 12.88 -5.17
C LYS C 103 -8.59 11.83 -5.06
N PHE C 104 -7.40 12.17 -5.55
CA PHE C 104 -6.27 11.25 -5.55
C PHE C 104 -5.11 11.91 -4.83
N THR C 105 -4.15 11.08 -4.41
CA THR C 105 -2.93 11.57 -3.79
C THR C 105 -2.04 11.53 -5.03
N LEU C 106 -1.29 12.58 -5.29
CA LEU C 106 -0.50 12.65 -6.51
C LEU C 106 0.99 12.61 -6.37
N GLY C 107 1.48 12.08 -5.26
CA GLY C 107 2.93 11.99 -5.11
C GLY C 107 3.50 13.03 -4.17
N GLY C 108 4.67 12.71 -3.64
CA GLY C 108 5.32 13.58 -2.69
C GLY C 108 5.72 14.90 -3.31
N TYR C 109 5.74 15.94 -2.48
CA TYR C 109 6.13 17.27 -2.98
C TYR C 109 7.47 17.74 -2.41
N THR C 110 8.22 16.82 -1.78
CA THR C 110 9.52 17.14 -1.19
C THR C 110 10.60 16.20 -1.77
N SER C 111 10.21 15.33 -2.70
CA SER C 111 11.13 14.37 -3.32
C SER C 111 11.76 14.85 -4.66
N PHE C 112 11.54 14.08 -5.73
CA PHE C 112 12.09 14.36 -7.06
C PHE C 112 11.78 15.71 -7.68
N ILE C 113 10.70 16.38 -7.24
CA ILE C 113 10.44 17.69 -7.80
C ILE C 113 11.36 18.73 -7.12
N ARG C 114 11.86 18.41 -5.93
CA ARG C 114 12.73 19.33 -5.22
C ARG C 114 14.21 18.99 -5.39
N ASN C 115 14.49 17.69 -5.46
CA ASN C 115 15.86 17.21 -5.64
C ASN C 115 15.88 16.33 -6.87
N ASN C 116 16.37 16.87 -7.97
CA ASN C 116 16.41 16.19 -9.27
C ASN C 116 16.60 14.67 -9.31
N THR C 117 17.33 14.11 -8.36
CA THR C 117 17.56 12.67 -8.39
C THR C 117 17.01 11.93 -7.18
N LYS C 118 16.08 12.54 -6.47
CA LYS C 118 15.52 11.96 -5.27
C LYS C 118 14.32 11.01 -5.46
N ASN C 119 14.49 9.75 -5.08
CA ASN C 119 13.46 8.73 -5.16
C ASN C 119 12.84 8.59 -6.51
N ILE C 120 13.65 8.67 -7.55
CA ILE C 120 13.10 8.55 -8.90
C ILE C 120 14.03 7.67 -9.70
N VAL C 121 13.46 6.95 -10.65
CA VAL C 121 14.21 6.07 -11.53
C VAL C 121 15.31 6.84 -12.26
N TYR C 122 14.92 7.88 -12.99
CA TYR C 122 15.87 8.75 -13.70
C TYR C 122 15.75 10.20 -13.17
N PRO C 123 16.83 11.01 -13.31
CA PRO C 123 16.77 12.40 -12.84
C PRO C 123 15.54 13.11 -13.44
N PHE C 124 14.81 13.79 -12.56
CA PHE C 124 13.57 14.52 -12.88
C PHE C 124 13.51 15.25 -14.22
N ASP C 125 14.62 15.87 -14.60
CA ASP C 125 14.68 16.60 -15.85
C ASP C 125 14.73 15.73 -17.12
N GLN C 126 15.01 14.43 -16.96
CA GLN C 126 15.02 13.54 -18.12
C GLN C 126 13.60 13.22 -18.63
N TYR C 127 12.59 13.52 -17.82
CA TYR C 127 11.21 13.23 -18.23
C TYR C 127 10.63 14.49 -18.82
N ILE C 128 9.80 14.34 -19.86
CA ILE C 128 9.19 15.50 -20.43
C ILE C 128 7.71 15.45 -20.17
N ALA C 129 7.20 14.29 -19.78
CA ALA C 129 5.78 14.11 -19.50
C ALA C 129 5.57 13.23 -18.26
N HIS C 130 4.53 13.54 -17.50
CA HIS C 130 4.16 12.82 -16.26
C HIS C 130 2.68 12.55 -16.33
N TRP C 131 2.36 11.34 -16.72
CA TRP C 131 0.98 10.89 -16.88
C TRP C 131 0.49 10.05 -15.71
N ILE C 132 -0.77 10.27 -15.37
CA ILE C 132 -1.40 9.53 -14.29
C ILE C 132 -2.54 8.73 -14.90
N ILE C 133 -2.54 7.42 -14.63
CA ILE C 133 -3.67 6.61 -15.06
C ILE C 133 -4.44 6.40 -13.75
N GLY C 134 -5.56 7.11 -13.67
CA GLY C 134 -6.43 7.07 -12.51
C GLY C 134 -7.54 6.07 -12.68
N TYR C 135 -7.79 5.30 -11.61
CA TYR C 135 -8.83 4.29 -11.59
C TYR C 135 -9.72 4.67 -10.46
N VAL C 136 -11.02 4.58 -10.71
CA VAL C 136 -12.05 4.92 -9.74
C VAL C 136 -12.98 3.73 -9.69
N TYR C 137 -13.17 3.18 -8.49
CA TYR C 137 -14.04 2.04 -8.33
C TYR C 137 -15.12 2.27 -7.24
N THR C 138 -16.22 1.51 -7.32
CA THR C 138 -17.26 1.60 -6.32
C THR C 138 -17.17 0.37 -5.41
N ARG C 139 -17.10 0.61 -4.10
CA ARG C 139 -17.01 -0.48 -3.11
C ARG C 139 -18.38 -1.12 -2.88
N VAL C 140 -18.43 -2.44 -3.02
CA VAL C 140 -19.68 -3.21 -2.83
C VAL C 140 -19.99 -3.44 -1.36
N LYS C 148 -14.15 -18.59 0.76
CA LYS C 148 -13.94 -19.87 0.07
C LYS C 148 -12.92 -19.73 -1.08
N THR C 149 -12.08 -20.72 -1.26
CA THR C 149 -11.14 -20.66 -2.36
C THR C 149 -11.98 -21.09 -3.57
N TYR C 150 -11.42 -21.02 -4.76
CA TYR C 150 -12.17 -21.42 -5.96
C TYR C 150 -11.39 -22.19 -7.00
N ASN C 151 -12.14 -22.79 -7.91
CA ASN C 151 -11.63 -23.58 -9.01
C ASN C 151 -11.86 -22.73 -10.25
N ILE C 152 -11.05 -22.96 -11.29
CA ILE C 152 -11.16 -22.23 -12.56
C ILE C 152 -12.54 -22.33 -13.15
N ASN C 153 -13.12 -23.53 -13.09
CA ASN C 153 -14.45 -23.79 -13.61
C ASN C 153 -15.49 -22.99 -12.86
N GLU C 154 -15.06 -22.24 -11.85
CA GLU C 154 -15.97 -21.43 -11.05
C GLU C 154 -15.78 -19.93 -11.30
N LEU C 155 -14.79 -19.59 -12.13
CA LEU C 155 -14.45 -18.19 -12.45
C LEU C 155 -15.57 -17.18 -12.65
N ASN C 156 -16.79 -17.64 -12.90
CA ASN C 156 -17.89 -16.71 -13.12
C ASN C 156 -18.73 -16.49 -11.88
N GLU C 157 -18.67 -17.41 -10.92
CA GLU C 157 -19.47 -17.26 -9.71
C GLU C 157 -18.79 -16.47 -8.56
N ILE C 158 -17.47 -16.38 -8.58
CA ILE C 158 -16.72 -15.69 -7.54
C ILE C 158 -17.20 -14.25 -7.48
N PRO C 159 -17.58 -13.77 -6.30
CA PRO C 159 -18.06 -12.39 -6.19
C PRO C 159 -16.94 -11.34 -6.12
N LYS C 160 -17.24 -10.17 -6.69
CA LYS C 160 -16.30 -9.05 -6.73
C LYS C 160 -16.57 -8.01 -5.65
N PRO C 161 -15.50 -7.36 -5.16
CA PRO C 161 -15.64 -6.34 -4.13
C PRO C 161 -15.70 -4.93 -4.72
N TYR C 162 -16.05 -4.84 -6.00
CA TYR C 162 -16.14 -3.56 -6.70
C TYR C 162 -17.16 -3.56 -7.82
N LYS C 163 -17.48 -2.37 -8.31
CA LYS C 163 -18.41 -2.19 -9.43
C LYS C 163 -18.03 -0.93 -10.18
N GLY C 164 -18.72 -0.71 -11.31
CA GLY C 164 -18.52 0.45 -12.17
C GLY C 164 -17.13 1.06 -12.22
N VAL C 165 -16.13 0.27 -12.59
CA VAL C 165 -14.77 0.76 -12.65
C VAL C 165 -14.56 1.70 -13.82
N LYS C 166 -14.10 2.92 -13.52
CA LYS C 166 -13.80 3.96 -14.51
C LYS C 166 -12.27 4.24 -14.52
N VAL C 167 -11.73 4.61 -15.66
CA VAL C 167 -10.32 4.93 -15.72
C VAL C 167 -10.07 6.08 -16.69
N PHE C 168 -9.01 6.84 -16.45
CA PHE C 168 -8.67 7.98 -17.30
C PHE C 168 -7.16 8.16 -17.31
N LEU C 169 -6.63 8.85 -18.31
CA LEU C 169 -5.21 9.18 -18.36
C LEU C 169 -5.17 10.67 -18.51
N GLN C 170 -4.32 11.31 -17.74
CA GLN C 170 -4.20 12.74 -17.81
C GLN C 170 -2.83 13.17 -17.26
N ASP C 171 -2.35 14.32 -17.71
CA ASP C 171 -1.07 14.83 -17.21
C ASP C 171 -1.25 15.24 -15.73
N LYS C 172 -0.30 14.82 -14.88
CA LYS C 172 -0.30 15.14 -13.46
C LYS C 172 -0.58 16.62 -13.18
N TRP C 173 0.22 17.52 -13.76
CA TRP C 173 0.06 18.94 -13.50
C TRP C 173 -1.34 19.43 -13.74
N VAL C 174 -2.03 18.82 -14.72
CA VAL C 174 -3.39 19.23 -15.11
C VAL C 174 -4.49 18.98 -14.05
N ILE C 175 -4.40 17.83 -13.38
CA ILE C 175 -5.36 17.45 -12.36
C ILE C 175 -4.85 17.70 -10.93
N ALA C 176 -3.73 18.43 -10.83
CA ALA C 176 -3.13 18.77 -9.54
C ALA C 176 -3.94 19.86 -8.87
N GLY C 177 -4.05 19.77 -7.54
CA GLY C 177 -4.81 20.73 -6.76
C GLY C 177 -3.84 21.62 -6.01
N ASP C 178 -4.36 22.49 -5.17
CA ASP C 178 -3.54 23.43 -4.38
C ASP C 178 -3.49 23.04 -2.90
N LEU C 179 -4.12 21.93 -2.54
CA LEU C 179 -4.13 21.46 -1.16
C LEU C 179 -3.43 20.08 -1.12
N ALA C 180 -2.75 19.81 -0.02
CA ALA C 180 -2.06 18.55 0.13
C ALA C 180 -2.99 17.35 0.09
N GLY C 181 -2.43 16.21 -0.31
CA GLY C 181 -3.19 14.97 -0.33
C GLY C 181 -2.93 14.21 0.98
N SER C 182 -1.80 14.51 1.63
CA SER C 182 -1.47 13.86 2.89
C SER C 182 -0.63 14.76 3.81
N GLY C 183 -0.64 14.46 5.11
CA GLY C 183 0.08 15.23 6.10
C GLY C 183 1.49 14.74 6.25
N ASN C 184 1.67 13.72 7.07
CA ASN C 184 3.02 13.19 7.34
C ASN C 184 3.74 12.60 6.14
N THR C 185 2.98 12.26 5.11
CA THR C 185 3.59 11.72 3.90
C THR C 185 3.69 12.79 2.80
N THR C 186 3.39 14.04 3.16
CA THR C 186 3.48 15.20 2.27
C THR C 186 3.25 14.85 0.78
N ASN C 187 2.01 14.53 0.46
CA ASN C 187 1.64 14.22 -0.91
C ASN C 187 0.84 15.39 -1.46
N ILE C 188 0.98 15.60 -2.76
CA ILE C 188 0.25 16.61 -3.49
C ILE C 188 -1.19 16.07 -3.65
N GLY C 189 -2.17 16.92 -3.37
CA GLY C 189 -3.55 16.49 -3.52
C GLY C 189 -3.99 16.89 -4.93
N SER C 190 -4.88 16.11 -5.52
CA SER C 190 -5.42 16.41 -6.85
C SER C 190 -6.60 17.32 -6.64
N ILE C 191 -7.25 17.68 -7.72
CA ILE C 191 -8.46 18.46 -7.59
C ILE C 191 -9.50 17.48 -6.98
N HIS C 192 -10.48 18.05 -6.33
CA HIS C 192 -11.55 17.31 -5.71
C HIS C 192 -12.70 17.52 -6.65
N ALA C 193 -12.92 16.58 -7.56
CA ALA C 193 -13.96 16.73 -8.56
C ALA C 193 -14.57 15.46 -9.09
N HIS C 194 -15.45 15.62 -10.07
CA HIS C 194 -16.07 14.47 -10.72
C HIS C 194 -15.16 13.88 -11.77
N TYR C 195 -15.30 12.59 -11.98
CA TYR C 195 -14.51 11.85 -12.96
C TYR C 195 -14.36 12.62 -14.29
N LYS C 196 -15.41 13.36 -14.66
CA LYS C 196 -15.44 14.09 -15.92
C LYS C 196 -14.39 15.18 -16.04
N ASP C 197 -14.19 15.93 -14.96
CA ASP C 197 -13.21 16.99 -14.95
C ASP C 197 -11.81 16.44 -15.09
N PHE C 198 -11.59 15.22 -14.59
CA PHE C 198 -10.29 14.57 -14.72
C PHE C 198 -10.04 14.26 -16.21
N VAL C 199 -11.02 13.63 -16.85
CA VAL C 199 -10.94 13.27 -18.26
C VAL C 199 -10.70 14.51 -19.11
N GLU C 200 -11.53 15.53 -18.90
CA GLU C 200 -11.45 16.81 -19.60
C GLU C 200 -10.28 17.69 -19.16
N GLY C 201 -9.67 17.36 -18.02
CA GLY C 201 -8.54 18.12 -17.52
C GLY C 201 -8.87 19.51 -17.07
N LYS C 202 -9.95 19.66 -16.29
CA LYS C 202 -10.39 20.94 -15.72
C LYS C 202 -9.67 21.20 -14.39
N GLY C 203 -8.38 21.49 -14.48
CA GLY C 203 -7.60 21.74 -13.28
C GLY C 203 -7.54 23.22 -12.93
N ILE C 204 -6.72 23.55 -11.93
CA ILE C 204 -6.60 24.91 -11.49
C ILE C 204 -5.32 25.61 -11.92
N PHE C 205 -4.26 24.87 -12.17
CA PHE C 205 -3.02 25.49 -12.64
C PHE C 205 -3.14 25.93 -14.13
N ASP C 206 -2.36 26.94 -14.51
CA ASP C 206 -2.39 27.47 -15.88
C ASP C 206 -1.29 26.86 -16.75
N SER C 207 -0.17 26.54 -16.11
CA SER C 207 0.95 25.91 -16.79
C SER C 207 1.59 24.90 -15.84
N GLU C 208 2.51 24.11 -16.41
CA GLU C 208 3.21 23.09 -15.68
C GLU C 208 4.27 23.75 -14.79
N ASP C 209 4.66 24.96 -15.17
CA ASP C 209 5.64 25.73 -14.41
C ASP C 209 4.94 26.35 -13.21
N GLU C 210 3.67 26.68 -13.38
CA GLU C 210 2.94 27.26 -12.27
C GLU C 210 2.81 26.14 -11.21
N PHE C 211 2.41 24.95 -11.67
CA PHE C 211 2.24 23.73 -10.87
C PHE C 211 3.49 23.43 -10.03
N LEU C 212 4.60 23.25 -10.74
CA LEU C 212 5.85 22.96 -10.11
C LEU C 212 6.34 24.02 -9.09
N ASP C 213 6.09 25.30 -9.40
CA ASP C 213 6.50 26.39 -8.50
C ASP C 213 5.70 26.38 -7.20
N TYR C 214 4.38 26.25 -7.33
CA TYR C 214 3.50 26.23 -6.17
C TYR C 214 3.87 25.09 -5.21
N TRP C 215 4.18 23.90 -5.74
CA TRP C 215 4.50 22.78 -4.86
C TRP C 215 5.96 22.71 -4.33
N ARG C 216 6.87 23.37 -5.05
CA ARG C 216 8.27 23.44 -4.65
C ARG C 216 8.44 24.47 -3.52
N ASN C 217 7.39 25.25 -3.27
CA ASN C 217 7.45 26.27 -2.24
C ASN C 217 6.34 26.11 -1.21
N TYR C 218 5.53 25.07 -1.35
CA TYR C 218 4.42 24.79 -0.44
C TYR C 218 4.99 24.45 0.92
N GLU C 219 4.57 25.15 1.96
CA GLU C 219 5.06 24.86 3.31
C GLU C 219 4.40 23.57 3.84
N ARG C 220 5.18 22.79 4.59
CA ARG C 220 4.76 21.51 5.16
C ARG C 220 3.55 21.59 6.08
N THR C 221 3.50 22.67 6.86
CA THR C 221 2.40 22.86 7.80
C THR C 221 1.57 24.11 7.58
N SER C 222 0.32 24.01 8.02
CA SER C 222 -0.63 25.09 7.89
C SER C 222 -0.09 26.33 8.57
N GLN C 223 0.74 26.14 9.61
CA GLN C 223 1.34 27.24 10.39
C GLN C 223 2.34 28.04 9.54
N LEU C 224 3.16 27.31 8.77
CA LEU C 224 4.14 27.91 7.88
C LEU C 224 3.42 28.42 6.62
N ARG C 225 2.43 27.68 6.15
CA ARG C 225 1.67 28.07 4.98
C ARG C 225 0.87 29.34 5.26
N ASN C 226 0.45 29.51 6.51
CA ASN C 226 -0.35 30.66 6.90
C ASN C 226 0.44 31.94 6.67
N ASP C 227 1.76 31.81 6.63
CA ASP C 227 2.63 32.93 6.42
C ASP C 227 2.92 33.11 4.93
N LYS C 228 3.03 31.98 4.24
CA LYS C 228 3.31 31.94 2.82
C LYS C 228 1.97 31.95 2.09
N TYR C 229 1.50 30.78 1.65
CA TYR C 229 0.23 30.71 0.95
C TYR C 229 -0.40 29.36 1.22
N ASN C 230 -1.73 29.37 1.31
CA ASN C 230 -2.51 28.18 1.59
C ASN C 230 -3.32 27.73 0.41
N ASN C 231 -3.28 28.48 -0.68
CA ASN C 231 -4.05 28.12 -1.86
C ASN C 231 -3.64 28.85 -3.14
N ILE C 232 -4.27 28.46 -4.24
CA ILE C 232 -3.95 29.05 -5.52
C ILE C 232 -4.12 30.56 -5.54
N SER C 233 -5.24 31.06 -4.99
CA SER C 233 -5.49 32.50 -4.95
C SER C 233 -4.35 33.25 -4.27
N GLU C 234 -4.00 32.83 -3.05
CA GLU C 234 -2.91 33.43 -2.29
C GLU C 234 -1.54 33.21 -2.92
N TYR C 235 -1.38 32.11 -3.66
CA TYR C 235 -0.10 31.85 -4.34
C TYR C 235 0.13 32.95 -5.39
N ARG C 236 -0.84 33.12 -6.28
CA ARG C 236 -0.79 34.16 -7.32
C ARG C 236 -0.60 35.58 -6.76
N ASN C 237 -1.22 35.86 -5.60
CA ASN C 237 -1.06 37.15 -4.95
C ASN C 237 0.38 37.21 -4.47
N TRP C 238 0.85 36.07 -3.94
CA TRP C 238 2.19 35.95 -3.42
C TRP C 238 3.18 36.27 -4.52
N ILE C 239 2.89 35.76 -5.70
CA ILE C 239 3.70 35.98 -6.89
C ILE C 239 3.62 37.47 -7.23
N TYR C 240 2.42 37.99 -7.36
CA TYR C 240 2.26 39.41 -7.69
C TYR C 240 3.12 40.37 -6.84
N ARG C 241 3.30 40.04 -5.57
CA ARG C 241 4.05 40.90 -4.65
C ARG C 241 5.57 40.74 -4.73
N GLY C 242 6.01 39.68 -5.37
CA GLY C 242 7.44 39.46 -5.48
C GLY C 242 7.84 38.33 -4.54
N ARG C 243 6.93 37.35 -4.40
CA ARG C 243 7.15 36.20 -3.55
C ARG C 243 7.41 36.69 -2.12
N LYS C 244 6.43 37.43 -1.62
CA LYS C 244 6.43 38.01 -0.29
C LYS C 244 5.11 38.74 -0.05
N SER D 1 -5.72 -26.66 19.47
CA SER D 1 -6.45 -25.43 19.79
C SER D 1 -6.66 -24.62 18.51
N LEU D 2 -7.28 -23.47 18.63
CA LEU D 2 -7.46 -22.61 17.50
C LEU D 2 -6.06 -22.32 16.95
N ARG D 3 -5.15 -21.94 17.85
CA ARG D 3 -3.76 -21.60 17.51
C ARG D 3 -2.90 -22.70 16.85
N SER D 4 -2.83 -23.89 17.45
CA SER D 4 -2.02 -24.97 16.86
C SER D 4 -2.59 -25.32 15.48
N ASP D 5 -3.90 -25.37 15.39
CA ASP D 5 -4.59 -25.67 14.15
C ASP D 5 -4.22 -24.72 13.01
N LEU D 6 -4.30 -23.43 13.29
CA LEU D 6 -3.95 -22.43 12.32
C LEU D 6 -2.48 -22.57 12.01
N ILE D 7 -1.68 -22.87 13.03
CA ILE D 7 -0.26 -23.03 12.80
C ILE D 7 -0.09 -24.11 11.77
N ASN D 8 -0.87 -25.17 11.92
CA ASN D 8 -0.80 -26.33 11.04
C ASN D 8 -1.38 -26.04 9.68
N ALA D 9 -2.57 -25.46 9.63
CA ALA D 9 -3.20 -25.11 8.35
C ALA D 9 -2.18 -24.31 7.56
N LEU D 10 -1.40 -23.48 8.26
CA LEU D 10 -0.36 -22.67 7.63
C LEU D 10 0.84 -23.46 7.22
N ASP D 18 1.69 -21.49 -4.35
CA ASP D 18 2.49 -20.79 -5.36
C ASP D 18 1.63 -19.91 -6.29
N VAL D 19 1.14 -18.79 -5.76
CA VAL D 19 0.30 -17.88 -6.55
C VAL D 19 1.13 -17.24 -7.63
N CYS D 20 0.59 -17.16 -8.85
CA CYS D 20 1.35 -16.57 -9.93
C CYS D 20 0.69 -15.55 -10.81
N GLY D 21 -0.47 -15.07 -10.41
CA GLY D 21 -1.12 -14.03 -11.17
C GLY D 21 -2.52 -13.75 -10.69
N ILE D 22 -3.13 -12.70 -11.23
CA ILE D 22 -4.50 -12.38 -10.91
C ILE D 22 -5.20 -12.83 -12.16
N ILE D 23 -6.48 -13.17 -12.00
CA ILE D 23 -7.26 -13.67 -13.11
C ILE D 23 -8.57 -12.93 -13.29
N SER D 24 -8.94 -12.78 -14.56
CA SER D 24 -10.17 -12.10 -14.91
C SER D 24 -11.21 -13.20 -15.07
N ALA D 25 -12.49 -12.86 -14.86
CA ALA D 25 -13.59 -13.82 -14.98
C ALA D 25 -13.54 -14.45 -16.38
N GLU D 26 -12.91 -13.73 -17.29
CA GLU D 26 -12.72 -14.12 -18.66
C GLU D 26 -11.73 -15.28 -18.79
N GLY D 27 -10.67 -15.26 -17.97
CA GLY D 27 -9.67 -16.32 -18.02
C GLY D 27 -8.26 -15.88 -18.44
N LYS D 28 -8.02 -14.58 -18.57
CA LYS D 28 -6.69 -14.10 -18.93
C LYS D 28 -5.92 -13.89 -17.63
N ILE D 29 -4.72 -14.44 -17.55
CA ILE D 29 -3.94 -14.34 -16.33
C ILE D 29 -2.87 -13.25 -16.40
N TYR D 30 -3.03 -12.24 -15.53
CA TYR D 30 -2.11 -11.09 -15.46
C TYR D 30 -1.09 -11.36 -14.36
N PRO D 31 0.19 -11.46 -14.72
CA PRO D 31 1.34 -11.73 -13.84
C PRO D 31 1.56 -10.77 -12.66
N LEU D 32 2.53 -11.14 -11.82
CA LEU D 32 2.89 -10.36 -10.64
C LEU D 32 4.15 -9.51 -10.85
N GLY D 33 4.17 -8.37 -10.16
CA GLY D 33 5.32 -7.49 -10.19
C GLY D 33 6.25 -7.90 -9.06
N SER D 34 7.55 -7.87 -9.34
CA SER D 34 8.58 -8.23 -8.36
C SER D 34 8.73 -7.04 -7.43
N ASP D 35 7.82 -6.94 -6.47
CA ASP D 35 7.82 -5.84 -5.52
C ASP D 35 7.35 -6.32 -4.15
N THR D 36 7.20 -5.41 -3.19
CA THR D 36 6.76 -5.80 -1.86
C THR D 36 5.31 -5.36 -1.58
N LYS D 37 4.86 -4.26 -2.18
CA LYS D 37 3.47 -3.83 -1.97
C LYS D 37 2.54 -4.86 -2.63
N VAL D 38 3.06 -5.53 -3.65
CA VAL D 38 2.34 -6.54 -4.38
C VAL D 38 2.17 -7.79 -3.50
N LEU D 39 3.30 -8.31 -3.03
CA LEU D 39 3.31 -9.50 -2.21
C LEU D 39 2.59 -9.33 -0.89
N SER D 40 2.54 -8.11 -0.36
CA SER D 40 1.83 -7.91 0.89
C SER D 40 0.39 -8.26 0.64
N THR D 41 -0.17 -7.67 -0.42
CA THR D 41 -1.55 -7.86 -0.86
C THR D 41 -1.84 -9.33 -1.17
N ILE D 42 -0.92 -9.96 -1.89
CA ILE D 42 -1.01 -11.35 -2.28
C ILE D 42 -1.16 -12.18 -1.01
N PHE D 43 -0.11 -12.16 -0.19
CA PHE D 43 -0.08 -12.90 1.07
C PHE D 43 -1.27 -12.68 1.99
N GLU D 44 -1.87 -11.51 1.95
CA GLU D 44 -3.03 -11.28 2.79
C GLU D 44 -4.20 -12.04 2.16
N LEU D 45 -4.34 -11.92 0.84
CA LEU D 45 -5.45 -12.60 0.18
C LEU D 45 -5.34 -14.09 0.30
N PHE D 46 -4.14 -14.60 0.17
CA PHE D 46 -3.89 -16.02 0.28
C PHE D 46 -4.28 -16.54 1.66
N SER D 47 -4.13 -15.69 2.69
CA SER D 47 -4.40 -16.07 4.08
C SER D 47 -5.85 -16.11 4.53
N ARG D 48 -6.64 -15.15 4.07
CA ARG D 48 -8.04 -15.07 4.45
C ARG D 48 -8.82 -16.40 4.35
N PRO D 49 -8.62 -17.15 3.25
CA PRO D 49 -9.41 -18.37 3.27
C PRO D 49 -9.00 -19.29 4.40
N ILE D 50 -7.70 -19.55 4.49
CA ILE D 50 -7.17 -20.45 5.50
C ILE D 50 -7.70 -20.16 6.90
N ILE D 51 -7.59 -18.88 7.28
CA ILE D 51 -8.01 -18.37 8.59
C ILE D 51 -9.53 -18.59 8.79
N ASN D 52 -10.30 -18.34 7.75
CA ASN D 52 -11.72 -18.47 7.92
C ASN D 52 -12.17 -19.92 8.05
N LYS D 53 -11.46 -20.84 7.39
CA LYS D 53 -11.80 -22.25 7.47
C LYS D 53 -11.54 -22.79 8.88
N ILE D 54 -10.36 -22.51 9.41
CA ILE D 54 -9.96 -22.94 10.76
C ILE D 54 -10.80 -22.30 11.85
N ALA D 55 -11.15 -21.03 11.65
CA ALA D 55 -11.99 -20.25 12.60
C ALA D 55 -13.38 -20.89 12.79
N GLU D 56 -13.99 -21.25 11.67
CA GLU D 56 -15.29 -21.90 11.66
C GLU D 56 -15.20 -23.17 12.53
N LYS D 57 -14.20 -24.00 12.27
CA LYS D 57 -14.03 -25.22 13.01
C LYS D 57 -14.20 -24.97 14.51
N HIS D 58 -13.59 -23.91 15.01
CA HIS D 58 -13.65 -23.62 16.45
C HIS D 58 -14.78 -22.72 16.92
N GLY D 59 -15.81 -22.57 16.08
CA GLY D 59 -16.94 -21.75 16.44
C GLY D 59 -16.62 -20.28 16.67
N TYR D 60 -15.62 -19.78 15.94
CA TYR D 60 -15.23 -18.40 16.08
C TYR D 60 -15.70 -17.58 14.86
N ILE D 61 -16.20 -16.38 15.10
CA ILE D 61 -16.61 -15.48 14.01
C ILE D 61 -15.36 -14.72 13.53
N VAL D 62 -15.32 -14.43 12.23
CA VAL D 62 -14.22 -13.69 11.64
C VAL D 62 -14.80 -12.41 11.07
N GLU D 63 -14.26 -11.26 11.50
CA GLU D 63 -14.67 -9.94 11.00
C GLU D 63 -13.42 -9.25 10.49
N GLU D 64 -13.52 -8.68 9.31
CA GLU D 64 -12.41 -7.93 8.73
C GLU D 64 -12.79 -6.47 8.94
N PRO D 65 -11.91 -5.51 8.58
CA PRO D 65 -12.37 -4.15 8.83
C PRO D 65 -13.36 -3.59 7.76
N LYS D 66 -14.05 -2.53 8.18
CA LYS D 66 -15.03 -1.82 7.37
C LYS D 66 -14.29 -0.56 6.94
N GLN D 67 -13.70 0.12 7.92
CA GLN D 67 -12.93 1.34 7.66
C GLN D 67 -11.59 0.77 7.25
N GLN D 68 -10.90 1.48 6.37
CA GLN D 68 -9.63 1.00 5.84
C GLN D 68 -8.39 1.05 6.71
N ASN D 69 -8.14 2.18 7.33
CA ASN D 69 -6.97 2.28 8.20
C ASN D 69 -7.27 1.77 9.63
N HIS D 70 -7.89 0.60 9.70
CA HIS D 70 -8.28 -0.03 10.96
C HIS D 70 -7.71 -1.42 11.20
N TYR D 71 -6.93 -1.51 12.27
CA TYR D 71 -6.35 -2.76 12.75
C TYR D 71 -7.53 -3.50 13.42
N PRO D 72 -7.52 -4.84 13.37
CA PRO D 72 -6.51 -5.70 12.77
C PRO D 72 -7.13 -6.27 11.49
N ASP D 73 -6.32 -6.90 10.65
CA ASP D 73 -6.83 -7.50 9.42
C ASP D 73 -8.00 -8.40 9.71
N PHE D 74 -7.87 -9.18 10.78
CA PHE D 74 -8.89 -10.13 11.21
C PHE D 74 -9.17 -10.16 12.72
N THR D 75 -10.45 -10.13 13.06
CA THR D 75 -10.91 -10.25 14.45
C THR D 75 -11.74 -11.56 14.50
N LEU D 76 -11.28 -12.51 15.33
CA LEU D 76 -11.95 -13.80 15.57
C LEU D 76 -12.58 -13.76 16.97
N TYR D 77 -13.69 -14.47 17.15
CA TYR D 77 -14.32 -14.54 18.46
C TYR D 77 -15.57 -15.41 18.55
N LYS D 78 -15.78 -16.00 19.73
CA LYS D 78 -16.97 -16.82 19.96
C LYS D 78 -18.07 -15.82 20.34
N PRO D 79 -19.24 -15.90 19.66
CA PRO D 79 -20.32 -14.96 19.97
C PRO D 79 -20.69 -14.93 21.44
N SER D 80 -20.25 -15.93 22.17
CA SER D 80 -20.50 -16.02 23.59
C SER D 80 -19.61 -15.07 24.40
N GLU D 81 -18.29 -15.15 24.19
CA GLU D 81 -17.29 -14.33 24.90
C GLU D 81 -16.67 -13.18 24.09
N PRO D 82 -17.42 -12.07 23.93
CA PRO D 82 -17.05 -10.85 23.20
C PRO D 82 -15.91 -10.02 23.79
N ASN D 83 -15.37 -10.44 24.92
CA ASN D 83 -14.25 -9.71 25.51
C ASN D 83 -13.03 -10.63 25.48
N LYS D 84 -13.14 -11.68 24.67
CA LYS D 84 -12.03 -12.59 24.54
C LYS D 84 -11.62 -12.57 23.06
N LYS D 85 -11.72 -11.41 22.44
CA LYS D 85 -11.38 -11.28 21.03
C LYS D 85 -9.90 -11.52 20.71
N ILE D 86 -9.65 -12.01 19.50
CA ILE D 86 -8.30 -12.27 19.07
C ILE D 86 -8.04 -11.44 17.82
N ALA D 87 -6.91 -10.74 17.85
CA ALA D 87 -6.45 -9.91 16.75
C ALA D 87 -5.38 -10.65 15.94
N ILE D 88 -5.62 -10.76 14.63
CA ILE D 88 -4.68 -11.35 13.71
C ILE D 88 -4.32 -10.35 12.62
N ASP D 89 -3.03 -10.22 12.35
CA ASP D 89 -2.56 -9.27 11.37
C ASP D 89 -1.43 -9.89 10.55
N ILE D 90 -1.54 -9.76 9.24
CA ILE D 90 -0.56 -10.30 8.33
C ILE D 90 0.54 -9.25 8.04
N LYS D 91 1.80 -9.63 8.20
CA LYS D 91 2.92 -8.76 7.94
C LYS D 91 3.87 -9.51 6.98
N THR D 92 4.47 -8.77 6.07
CA THR D 92 5.39 -9.34 5.10
C THR D 92 6.72 -8.57 5.08
N THR D 93 7.77 -9.27 4.70
CA THR D 93 9.09 -8.67 4.58
C THR D 93 9.80 -9.51 3.51
N TYR D 94 11.00 -9.11 3.10
CA TYR D 94 11.71 -9.82 2.07
C TYR D 94 13.12 -10.14 2.48
N THR D 95 13.75 -11.03 1.71
CA THR D 95 15.14 -11.42 1.86
C THR D 95 15.71 -11.43 0.44
N ASN D 96 16.94 -10.96 0.30
CA ASN D 96 17.61 -10.86 -1.02
C ASN D 96 17.91 -12.17 -1.75
N LYS D 101 19.06 -12.13 8.51
CA LYS D 101 18.36 -11.25 9.46
C LYS D 101 17.31 -10.41 8.75
N ILE D 102 16.16 -10.27 9.40
CA ILE D 102 15.04 -9.50 8.85
C ILE D 102 14.38 -8.74 10.00
N LYS D 103 13.54 -7.79 9.62
CA LYS D 103 12.75 -6.99 10.55
C LYS D 103 11.39 -6.67 9.95
N PHE D 104 10.37 -6.58 10.81
CA PHE D 104 9.02 -6.27 10.40
C PHE D 104 8.63 -5.00 11.07
N THR D 105 7.57 -4.41 10.55
CA THR D 105 6.98 -3.24 11.15
C THR D 105 5.84 -3.93 11.85
N LEU D 106 5.58 -3.58 13.10
CA LEU D 106 4.53 -4.23 13.88
C LEU D 106 3.36 -3.36 14.28
N GLY D 107 3.16 -2.24 13.60
CA GLY D 107 2.01 -1.40 13.90
C GLY D 107 2.40 -0.11 14.57
N GLY D 108 1.49 0.85 14.57
CA GLY D 108 1.77 2.14 15.15
C GLY D 108 1.90 2.05 16.65
N TYR D 109 2.66 2.95 17.23
CA TYR D 109 2.80 2.95 18.69
C TYR D 109 2.16 4.19 19.28
N THR D 110 1.42 4.91 18.45
CA THR D 110 0.74 6.10 18.93
C THR D 110 -0.78 5.97 18.82
N SER D 111 -1.27 4.91 18.17
CA SER D 111 -2.72 4.70 18.02
C SER D 111 -3.39 3.89 19.16
N PHE D 112 -4.12 2.83 18.80
CA PHE D 112 -4.80 1.98 19.76
C PHE D 112 -4.02 1.54 21.02
N ILE D 113 -2.69 1.50 20.96
CA ILE D 113 -1.96 1.09 22.16
C ILE D 113 -1.90 2.23 23.21
N ARG D 114 -2.17 3.45 22.76
CA ARG D 114 -2.20 4.60 23.65
C ARG D 114 -3.64 5.08 23.80
N ASN D 115 -4.48 4.80 22.80
CA ASN D 115 -5.90 5.18 22.83
C ASN D 115 -6.81 4.02 22.47
N ASN D 116 -7.35 3.37 23.50
CA ASN D 116 -8.22 2.19 23.38
C ASN D 116 -9.14 1.96 22.15
N THR D 117 -9.78 3.00 21.63
CA THR D 117 -10.65 2.86 20.48
C THR D 117 -10.18 3.53 19.18
N LYS D 118 -8.93 3.97 19.12
CA LYS D 118 -8.37 4.66 17.95
C LYS D 118 -7.87 3.73 16.90
N ASN D 119 -8.35 3.90 15.65
CA ASN D 119 -7.97 3.08 14.46
C ASN D 119 -7.96 1.59 14.68
N ILE D 120 -9.02 1.07 15.30
CA ILE D 120 -9.10 -0.35 15.63
C ILE D 120 -10.55 -0.77 15.51
N VAL D 121 -10.79 -1.99 15.06
CA VAL D 121 -12.15 -2.46 14.84
C VAL D 121 -12.96 -2.56 16.13
N TYR D 122 -12.32 -3.03 17.20
CA TYR D 122 -12.98 -3.14 18.49
C TYR D 122 -12.11 -2.47 19.52
N PRO D 123 -12.68 -2.03 20.66
CA PRO D 123 -11.85 -1.38 21.67
C PRO D 123 -10.71 -2.32 22.07
N PHE D 124 -9.51 -1.75 22.17
CA PHE D 124 -8.32 -2.52 22.48
C PHE D 124 -8.45 -3.45 23.71
N ASP D 125 -9.24 -3.01 24.67
CA ASP D 125 -9.46 -3.76 25.89
C ASP D 125 -10.23 -5.09 25.66
N GLN D 126 -10.91 -5.22 24.51
CA GLN D 126 -11.66 -6.44 24.22
C GLN D 126 -10.88 -7.57 23.56
N TYR D 127 -9.60 -7.32 23.26
CA TYR D 127 -8.70 -8.30 22.63
C TYR D 127 -7.79 -8.91 23.68
N ILE D 128 -7.69 -10.23 23.64
CA ILE D 128 -6.90 -10.99 24.58
C ILE D 128 -5.60 -11.52 23.99
N ALA D 129 -5.48 -11.49 22.66
CA ALA D 129 -4.27 -11.94 21.96
C ALA D 129 -4.10 -11.16 20.69
N HIS D 130 -2.84 -10.83 20.37
CA HIS D 130 -2.52 -10.08 19.14
C HIS D 130 -1.46 -10.90 18.45
N TRP D 131 -1.93 -11.73 17.52
CA TRP D 131 -1.06 -12.60 16.77
C TRP D 131 -0.59 -11.89 15.50
N ILE D 132 0.58 -12.27 15.03
CA ILE D 132 1.20 -11.73 13.85
C ILE D 132 1.48 -12.92 12.94
N ILE D 133 0.94 -12.93 11.72
CA ILE D 133 1.26 -13.99 10.79
C ILE D 133 2.23 -13.33 9.85
N GLY D 134 3.48 -13.75 9.94
CA GLY D 134 4.53 -13.19 9.12
C GLY D 134 4.90 -14.03 7.90
N TYR D 135 5.22 -13.32 6.83
CA TYR D 135 5.61 -14.01 5.62
C TYR D 135 6.92 -13.40 5.29
N VAL D 136 7.86 -14.24 4.88
CA VAL D 136 9.20 -13.81 4.51
C VAL D 136 9.43 -14.40 3.13
N TYR D 137 9.78 -13.57 2.17
CA TYR D 137 10.03 -14.10 0.84
C TYR D 137 11.41 -13.62 0.37
N THR D 138 12.01 -14.40 -0.51
CA THR D 138 13.30 -14.08 -1.11
C THR D 138 12.90 -13.55 -2.49
N ARG D 139 13.26 -12.31 -2.80
CA ARG D 139 12.92 -11.74 -4.08
C ARG D 139 13.94 -12.16 -5.12
N VAL D 140 13.47 -12.62 -6.28
CA VAL D 140 14.37 -13.07 -7.35
C VAL D 140 15.34 -11.95 -7.78
N SER D 146 6.58 -10.60 -15.89
CA SER D 146 6.28 -10.64 -17.32
C SER D 146 5.19 -9.65 -17.70
N LEU D 147 5.46 -8.88 -18.75
CA LEU D 147 4.51 -7.87 -19.18
C LEU D 147 3.63 -8.37 -20.34
N LYS D 148 3.33 -9.66 -20.28
CA LYS D 148 2.49 -10.39 -21.23
C LYS D 148 1.37 -11.02 -20.36
N THR D 149 0.27 -11.44 -20.97
CA THR D 149 -0.82 -12.10 -20.25
C THR D 149 -0.69 -13.57 -20.60
N TYR D 150 -1.40 -14.43 -19.89
CA TYR D 150 -1.32 -15.86 -20.14
C TYR D 150 -2.69 -16.46 -19.97
N ASN D 151 -2.79 -17.77 -20.23
CA ASN D 151 -4.04 -18.54 -20.13
C ASN D 151 -3.91 -19.73 -19.20
N ILE D 152 -5.06 -20.22 -18.73
CA ILE D 152 -5.15 -21.38 -17.82
C ILE D 152 -4.74 -22.65 -18.54
N ASN D 153 -3.47 -22.99 -18.42
CA ASN D 153 -2.84 -24.16 -19.03
C ASN D 153 -1.42 -23.69 -19.35
N GLU D 154 -1.20 -22.40 -19.16
CA GLU D 154 0.09 -21.74 -19.36
C GLU D 154 0.75 -21.44 -18.00
N LEU D 155 -0.01 -21.69 -16.93
CA LEU D 155 0.44 -21.44 -15.56
C LEU D 155 1.86 -21.87 -15.28
N ASN D 156 2.31 -22.87 -16.03
CA ASN D 156 3.65 -23.42 -15.90
C ASN D 156 4.78 -22.62 -16.59
N GLU D 157 4.43 -21.53 -17.28
CA GLU D 157 5.42 -20.69 -17.98
C GLU D 157 5.56 -19.28 -17.37
N ILE D 158 4.69 -18.95 -16.40
CA ILE D 158 4.69 -17.63 -15.76
C ILE D 158 5.82 -17.50 -14.74
N PRO D 159 6.69 -16.49 -14.92
CA PRO D 159 7.83 -16.23 -14.01
C PRO D 159 7.41 -15.72 -12.65
N LYS D 160 7.97 -16.32 -11.61
CA LYS D 160 7.60 -15.89 -10.27
C LYS D 160 8.50 -14.75 -9.77
N PRO D 161 7.90 -13.77 -9.06
CA PRO D 161 8.67 -12.64 -8.55
C PRO D 161 9.37 -12.91 -7.22
N TYR D 162 9.23 -14.13 -6.72
CA TYR D 162 9.83 -14.51 -5.46
C TYR D 162 10.36 -15.93 -5.56
N LYS D 163 11.52 -16.14 -4.95
CA LYS D 163 12.21 -17.43 -4.98
C LYS D 163 11.79 -18.42 -3.89
N GLY D 164 11.39 -17.89 -2.74
CA GLY D 164 10.97 -18.76 -1.65
C GLY D 164 10.15 -17.94 -0.70
N VAL D 165 9.39 -18.60 0.16
CA VAL D 165 8.53 -17.93 1.14
C VAL D 165 8.31 -18.77 2.41
N LYS D 166 8.67 -18.21 3.57
CA LYS D 166 8.51 -18.84 4.89
C LYS D 166 7.39 -18.14 5.62
N VAL D 167 6.68 -18.85 6.48
CA VAL D 167 5.63 -18.20 7.26
C VAL D 167 5.70 -18.59 8.73
N PHE D 168 5.24 -17.70 9.59
CA PHE D 168 5.25 -18.02 10.99
C PHE D 168 4.13 -17.30 11.71
N LEU D 169 3.68 -17.89 12.81
CA LEU D 169 2.67 -17.27 13.64
C LEU D 169 3.36 -17.01 14.99
N GLN D 170 3.10 -15.85 15.57
CA GLN D 170 3.69 -15.50 16.85
C GLN D 170 2.96 -14.36 17.52
N ASP D 171 3.13 -14.26 18.85
CA ASP D 171 2.50 -13.15 19.58
C ASP D 171 3.27 -11.86 19.29
N LYS D 172 2.51 -10.79 19.04
CA LYS D 172 3.09 -9.50 18.75
C LYS D 172 4.17 -9.15 19.79
N TRP D 173 3.80 -9.08 21.06
CA TRP D 173 4.75 -8.70 22.11
C TRP D 173 6.06 -9.52 22.20
N VAL D 174 5.99 -10.79 21.83
CA VAL D 174 7.17 -11.66 21.91
C VAL D 174 8.25 -11.30 20.90
N ILE D 175 7.84 -10.86 19.71
CA ILE D 175 8.79 -10.53 18.64
C ILE D 175 9.09 -9.03 18.49
N ALA D 176 8.57 -8.26 19.42
CA ALA D 176 8.78 -6.82 19.41
C ALA D 176 10.22 -6.46 19.81
N GLY D 177 10.79 -5.46 19.12
CA GLY D 177 12.12 -4.96 19.45
C GLY D 177 11.97 -3.66 20.23
N ASP D 178 13.10 -3.00 20.48
CA ASP D 178 13.11 -1.73 21.22
C ASP D 178 13.34 -0.45 20.33
N LEU D 179 13.50 -0.65 19.02
CA LEU D 179 13.70 0.45 18.06
C LEU D 179 12.50 0.53 17.14
N ALA D 180 12.14 1.76 16.79
CA ALA D 180 11.02 2.05 15.91
C ALA D 180 11.14 1.40 14.52
N GLY D 181 10.01 0.93 14.01
CA GLY D 181 9.98 0.31 12.70
C GLY D 181 9.80 1.36 11.60
N SER D 182 9.55 2.62 11.95
CA SER D 182 9.39 3.68 10.97
C SER D 182 9.41 5.00 11.70
N GLY D 183 9.82 6.04 10.97
CA GLY D 183 9.90 7.36 11.53
C GLY D 183 8.63 8.14 11.43
N ASN D 184 8.37 8.76 10.28
CA ASN D 184 7.14 9.56 10.19
C ASN D 184 5.83 8.82 10.42
N THR D 185 5.83 7.50 10.24
CA THR D 185 4.61 6.69 10.42
C THR D 185 4.58 5.92 11.78
N THR D 186 5.52 6.30 12.64
CA THR D 186 5.67 5.78 14.01
C THR D 186 5.27 4.33 14.29
N ASN D 187 5.97 3.40 13.68
CA ASN D 187 5.68 2.01 13.86
C ASN D 187 6.64 1.39 14.84
N ILE D 188 6.16 0.30 15.46
CA ILE D 188 6.93 -0.52 16.39
C ILE D 188 7.84 -1.35 15.51
N GLY D 189 9.11 -1.44 15.89
CA GLY D 189 10.02 -2.26 15.14
C GLY D 189 10.13 -3.61 15.83
N SER D 190 10.16 -4.66 15.03
CA SER D 190 10.29 -6.03 15.51
C SER D 190 11.77 -6.24 15.84
N ILE D 191 12.08 -7.41 16.42
CA ILE D 191 13.45 -7.78 16.68
C ILE D 191 14.09 -7.95 15.28
N HIS D 192 15.40 -7.71 15.22
CA HIS D 192 16.15 -7.82 13.98
C HIS D 192 16.95 -9.13 14.04
N ALA D 193 16.33 -10.21 13.56
CA ALA D 193 16.96 -11.54 13.62
C ALA D 193 16.54 -12.53 12.53
N HIS D 194 16.95 -13.79 12.74
CA HIS D 194 16.68 -14.93 11.86
C HIS D 194 15.28 -15.47 12.02
N TYR D 195 14.75 -15.97 10.91
CA TYR D 195 13.44 -16.58 10.85
C TYR D 195 13.19 -17.48 12.09
N LYS D 196 14.17 -18.31 12.42
CA LYS D 196 14.11 -19.25 13.54
C LYS D 196 13.85 -18.56 14.89
N ASP D 197 14.42 -17.37 15.11
CA ASP D 197 14.18 -16.63 16.35
C ASP D 197 12.72 -16.15 16.43
N PHE D 198 12.13 -15.87 15.27
CA PHE D 198 10.75 -15.42 15.20
C PHE D 198 9.88 -16.58 15.59
N VAL D 199 10.12 -17.74 14.98
CA VAL D 199 9.30 -18.90 15.30
C VAL D 199 9.56 -19.29 16.76
N GLU D 200 10.82 -19.17 17.17
CA GLU D 200 11.20 -19.50 18.54
C GLU D 200 10.61 -18.51 19.51
N GLY D 201 10.34 -17.30 19.02
CA GLY D 201 9.80 -16.27 19.88
C GLY D 201 10.89 -15.78 20.82
N LYS D 202 12.10 -15.66 20.29
CA LYS D 202 13.25 -15.18 21.05
C LYS D 202 13.23 -13.65 21.09
N GLY D 203 12.34 -13.09 21.92
CA GLY D 203 12.24 -11.65 21.99
C GLY D 203 13.21 -10.98 22.95
N ILE D 204 12.96 -9.70 23.18
CA ILE D 204 13.79 -8.93 24.08
C ILE D 204 12.98 -8.54 25.32
N PHE D 205 11.65 -8.56 25.20
CA PHE D 205 10.82 -8.16 26.33
C PHE D 205 10.55 -9.30 27.29
N ASP D 206 10.45 -8.96 28.58
CA ASP D 206 10.20 -9.94 29.66
C ASP D 206 8.74 -10.31 29.80
N SER D 207 7.85 -9.43 29.34
CA SER D 207 6.43 -9.67 29.45
C SER D 207 5.68 -8.76 28.48
N GLU D 208 4.38 -9.01 28.34
CA GLU D 208 3.56 -8.19 27.48
C GLU D 208 3.32 -6.85 28.16
N ASP D 209 3.33 -6.85 29.48
CA ASP D 209 3.17 -5.64 30.28
C ASP D 209 4.35 -4.67 30.03
N GLU D 210 5.54 -5.22 29.97
CA GLU D 210 6.72 -4.41 29.72
C GLU D 210 6.74 -3.94 28.25
N PHE D 211 6.32 -4.81 27.31
CA PHE D 211 6.26 -4.45 25.90
C PHE D 211 5.36 -3.22 25.72
N LEU D 212 4.17 -3.27 26.34
CA LEU D 212 3.21 -2.18 26.26
C LEU D 212 3.69 -0.91 26.95
N ASP D 213 4.31 -1.04 28.12
CA ASP D 213 4.80 0.14 28.82
C ASP D 213 5.97 0.77 28.01
N TYR D 214 6.84 -0.04 27.47
CA TYR D 214 7.91 0.50 26.68
C TYR D 214 7.32 1.31 25.49
N TRP D 215 6.41 0.74 24.70
CA TRP D 215 5.87 1.46 23.55
C TRP D 215 4.87 2.56 23.83
N ARG D 216 4.33 2.56 25.05
CA ARG D 216 3.38 3.59 25.45
C ARG D 216 4.05 4.89 25.81
N ASN D 217 5.32 4.82 26.17
CA ASN D 217 6.05 5.98 26.62
C ASN D 217 7.20 6.33 25.69
N TYR D 218 7.22 5.68 24.54
CA TYR D 218 8.27 5.91 23.54
C TYR D 218 8.12 7.31 22.95
N GLU D 219 9.23 8.05 22.84
CA GLU D 219 9.15 9.36 22.22
C GLU D 219 9.35 9.23 20.70
N ARG D 220 8.75 10.10 19.91
CA ARG D 220 8.85 9.99 18.45
C ARG D 220 10.23 10.20 17.80
N THR D 221 10.98 11.19 18.28
CA THR D 221 12.29 11.49 17.72
C THR D 221 13.43 11.11 18.67
N SER D 222 14.63 10.98 18.13
CA SER D 222 15.80 10.64 18.94
C SER D 222 16.14 11.68 20.04
N GLN D 223 16.08 12.96 19.71
CA GLN D 223 16.41 14.01 20.66
C GLN D 223 15.53 13.96 21.92
N LEU D 224 14.25 13.62 21.71
CA LEU D 224 13.26 13.50 22.77
C LEU D 224 13.43 12.20 23.53
N ARG D 225 13.99 11.23 22.81
CA ARG D 225 14.27 9.91 23.36
C ARG D 225 15.60 9.93 24.06
N ASN D 226 16.41 10.92 23.71
CA ASN D 226 17.75 11.07 24.27
C ASN D 226 17.76 11.33 25.79
N ASP D 227 16.71 12.00 26.29
CA ASP D 227 16.58 12.31 27.70
C ASP D 227 15.45 11.50 28.34
N LYS D 228 15.21 10.32 27.77
CA LYS D 228 14.19 9.38 28.24
C LYS D 228 14.86 8.04 28.02
N TYR D 229 14.59 7.39 26.90
CA TYR D 229 15.25 6.12 26.60
C TYR D 229 15.14 5.80 25.10
N ASN D 230 16.15 5.16 24.51
CA ASN D 230 16.03 4.79 23.11
C ASN D 230 16.22 3.29 22.91
N ASN D 231 16.42 2.56 24.00
CA ASN D 231 16.57 1.10 23.96
C ASN D 231 16.12 0.45 25.29
N ILE D 232 16.14 -0.87 25.34
CA ILE D 232 15.67 -1.59 26.51
C ILE D 232 16.48 -1.29 27.80
N SER D 233 17.81 -1.17 27.69
CA SER D 233 18.66 -0.87 28.85
C SER D 233 18.19 0.43 29.48
N GLU D 234 18.08 1.45 28.62
CA GLU D 234 17.65 2.77 29.03
C GLU D 234 16.27 2.87 29.69
N TYR D 235 15.32 2.11 29.17
CA TYR D 235 13.96 2.07 29.70
C TYR D 235 13.92 1.54 31.12
N ARG D 236 14.71 0.49 31.33
CA ARG D 236 14.84 -0.16 32.62
C ARG D 236 15.48 0.81 33.62
N ASN D 237 16.50 1.58 33.18
CA ASN D 237 17.17 2.56 34.04
C ASN D 237 16.25 3.71 34.35
N TRP D 238 15.39 4.04 33.39
CA TRP D 238 14.36 5.10 33.51
C TRP D 238 13.25 4.70 34.56
N ILE D 239 12.92 3.41 34.60
CA ILE D 239 11.92 2.89 35.55
C ILE D 239 12.54 3.02 36.92
N TYR D 240 13.76 2.52 37.11
CA TYR D 240 14.47 2.62 38.39
C TYR D 240 14.53 4.09 38.84
N ARG D 241 14.79 5.00 37.89
CA ARG D 241 14.87 6.44 38.15
C ARG D 241 13.54 7.01 38.60
N GLY D 242 12.50 6.21 38.50
CA GLY D 242 11.17 6.67 38.88
C GLY D 242 10.46 7.30 37.70
N ARG D 243 10.68 6.73 36.51
CA ARG D 243 10.06 7.16 35.26
C ARG D 243 10.28 8.65 34.93
N LYS D 244 11.54 9.07 35.02
CA LYS D 244 11.91 10.45 34.71
C LYS D 244 13.43 10.64 34.82
#